data_4C3T
#
_entry.id   4C3T
#
_cell.length_a   80.930
_cell.length_b   80.930
_cell.length_c   154.620
_cell.angle_alpha   90.00
_cell.angle_beta   90.00
_cell.angle_gamma   90.00
#
_symmetry.space_group_name_H-M   'P 43 21 2'
#
loop_
_entity.id
_entity.type
_entity.pdbx_description
1 polymer 'CARBONATE DEHYDRATASE'
2 non-polymer 'ZINC ION'
3 non-polymer 'CHLORIDE ION'
4 water water
#
_entity_poly.entity_id   1
_entity_poly.type   'polypeptide(L)'
_entity_poly.pdbx_seq_one_letter_code
;MKRVLVTLGAVAALATGAVAGGGAHWGYSGSIGPEHWGDLSPEYLMCKIGKNQSPIDINSADAVKACLAPVSVYYVSDAK
YVVNNGHTIKVVMGGRGYVVVDGKRFYLKQFHFHAPSEHTVNGKHYPFEAHFVHLDKNGNITVLGVFFKVGKENPELEKV
WRVMPEEPGQKRHLTARIDPEKLLPENRDYYRYSGSLTTPPCSEGVRWIVFKEPVEMSREQLEKFRKVMGFDNNRPVQPL
NARKVMK
;
_entity_poly.pdbx_strand_id   A,B
#
# COMPACT_ATOMS: atom_id res chain seq x y z
N GLY A 23 -16.18 -3.75 37.59
CA GLY A 23 -15.32 -2.61 38.00
C GLY A 23 -16.04 -1.63 38.91
N ALA A 24 -15.70 -0.35 38.75
CA ALA A 24 -16.28 0.73 39.57
C ALA A 24 -16.97 1.76 38.68
N HIS A 25 -17.97 2.44 39.24
CA HIS A 25 -18.81 3.40 38.53
C HIS A 25 -18.01 4.59 37.98
N TRP A 26 -18.18 4.89 36.69
CA TRP A 26 -17.46 5.99 36.07
C TRP A 26 -18.42 6.80 35.21
N GLY A 27 -18.01 8.02 34.89
CA GLY A 27 -18.86 8.90 34.06
C GLY A 27 -18.08 9.99 33.36
N TYR A 28 -18.78 11.06 33.00
CA TYR A 28 -18.17 12.10 32.19
C TYR A 28 -18.08 13.46 32.87
N SER A 29 -18.52 13.52 34.12
CA SER A 29 -18.45 14.76 34.89
C SER A 29 -18.17 14.47 36.36
N GLY A 30 -17.72 15.49 37.08
CA GLY A 30 -17.58 15.42 38.54
C GLY A 30 -16.45 14.52 38.96
N SER A 31 -16.60 13.92 40.14
CA SER A 31 -15.54 13.11 40.75
C SER A 31 -15.28 11.80 40.03
N ILE A 32 -16.15 11.45 39.09
CA ILE A 32 -16.01 10.20 38.34
C ILE A 32 -15.77 10.45 36.86
N GLY A 33 -15.47 11.71 36.53
CA GLY A 33 -15.16 12.13 35.16
C GLY A 33 -13.82 11.59 34.67
N PRO A 34 -13.55 11.71 33.36
CA PRO A 34 -12.36 11.19 32.68
C PRO A 34 -11.03 11.53 33.36
N GLU A 35 -10.85 12.78 33.82
CA GLU A 35 -9.61 13.17 34.48
CA GLU A 35 -9.58 13.13 34.45
C GLU A 35 -9.37 12.41 35.78
N HIS A 36 -10.40 11.73 36.26
CA HIS A 36 -10.32 11.00 37.52
C HIS A 36 -10.38 9.48 37.35
N TRP A 37 -10.57 8.99 36.12
CA TRP A 37 -10.88 7.56 35.94
C TRP A 37 -9.82 6.62 36.55
N GLY A 38 -8.56 7.01 36.40
CA GLY A 38 -7.44 6.17 36.85
C GLY A 38 -7.41 5.95 38.36
N ASP A 39 -8.14 6.79 39.08
CA ASP A 39 -8.22 6.72 40.54
C ASP A 39 -9.40 5.89 41.07
N LEU A 40 -10.30 5.47 40.18
CA LEU A 40 -11.57 4.87 40.60
C LEU A 40 -11.55 3.36 40.86
N SER A 41 -10.59 2.65 40.25
CA SER A 41 -10.52 1.21 40.37
C SER A 41 -9.09 0.79 40.00
N PRO A 42 -8.55 -0.24 40.69
CA PRO A 42 -7.20 -0.70 40.29
C PRO A 42 -7.13 -1.11 38.82
N GLU A 43 -8.25 -1.61 38.31
CA GLU A 43 -8.36 -2.06 36.92
CA GLU A 43 -8.41 -2.05 36.93
C GLU A 43 -8.15 -0.90 35.94
N TYR A 44 -8.29 0.33 36.41
CA TYR A 44 -8.28 1.50 35.50
C TYR A 44 -6.97 2.27 35.44
N LEU A 45 -5.90 1.67 35.93
CA LEU A 45 -4.63 2.39 36.05
C LEU A 45 -4.09 2.98 34.75
N MET A 46 -4.34 2.31 33.61
CA MET A 46 -3.81 2.74 32.33
CA MET A 46 -3.76 2.78 32.36
C MET A 46 -4.35 4.12 31.98
N CYS A 47 -5.56 4.43 32.44
CA CYS A 47 -6.19 5.71 32.15
CA CYS A 47 -6.18 5.71 32.14
C CYS A 47 -5.26 6.84 32.55
N LYS A 48 -4.52 6.66 33.65
CA LYS A 48 -3.57 7.68 34.10
C LYS A 48 -2.06 7.47 33.84
N ILE A 49 -1.61 6.22 33.71
CA ILE A 49 -0.18 5.94 33.50
CA ILE A 49 -0.19 5.93 33.50
C ILE A 49 0.17 5.77 32.01
N GLY A 50 -0.85 5.48 31.20
CA GLY A 50 -0.66 5.24 29.76
C GLY A 50 -0.10 6.43 29.00
N LYS A 51 0.86 6.16 28.12
CA LYS A 51 1.42 7.15 27.21
C LYS A 51 0.95 7.01 25.77
N ASN A 52 0.06 6.03 25.53
CA ASN A 52 -0.46 5.73 24.19
C ASN A 52 -1.98 5.66 24.24
N GLN A 53 -2.58 6.74 24.74
CA GLN A 53 -4.01 6.79 25.01
C GLN A 53 -4.83 7.41 23.84
N SER A 54 -6.12 7.11 23.85
CA SER A 54 -7.08 7.61 22.87
C SER A 54 -8.21 8.32 23.57
N PRO A 55 -8.89 9.21 22.85
CA PRO A 55 -8.69 9.67 21.50
C PRO A 55 -7.61 10.76 21.43
N ILE A 56 -7.31 11.21 20.22
CA ILE A 56 -6.30 12.19 19.96
C ILE A 56 -6.82 13.25 18.99
N ASP A 57 -6.09 14.37 18.92
CA ASP A 57 -6.20 15.31 17.80
C ASP A 57 -5.33 14.83 16.63
N ILE A 58 -5.93 14.82 15.46
CA ILE A 58 -5.24 14.47 14.23
C ILE A 58 -4.97 15.77 13.48
N ASN A 59 -3.70 16.13 13.38
N ASN A 59 -3.71 16.17 13.51
CA ASN A 59 -3.29 17.40 12.73
CA ASN A 59 -3.22 17.32 12.75
C ASN A 59 -2.08 17.26 11.80
C ASN A 59 -2.86 16.86 11.35
N SER A 60 -1.71 18.35 11.13
N SER A 60 -3.85 16.93 10.45
CA SER A 60 -0.59 18.36 10.17
CA SER A 60 -3.67 16.42 9.09
C SER A 60 0.77 18.03 10.79
C SER A 60 -2.26 16.71 8.59
N ALA A 61 0.97 18.47 12.03
N ALA A 61 -1.81 17.94 8.81
CA ALA A 61 2.26 18.26 12.71
CA ALA A 61 -0.50 18.37 8.35
C ALA A 61 2.43 16.82 13.20
C ALA A 61 0.62 17.56 8.99
N ASP A 62 1.33 16.13 13.45
N ASP A 62 0.48 17.31 10.30
CA ASP A 62 1.40 14.77 14.00
CA ASP A 62 1.50 16.59 11.05
C ASP A 62 1.14 13.64 13.02
C ASP A 62 1.42 15.08 10.84
N ALA A 63 0.75 13.98 11.79
N ALA A 63 0.24 14.58 10.50
CA ALA A 63 0.45 12.97 10.78
CA ALA A 63 0.10 13.16 10.19
C ALA A 63 1.53 12.83 9.71
C ALA A 63 1.09 12.81 9.10
N VAL A 64 1.68 11.62 9.17
CA VAL A 64 2.68 11.32 8.16
CA VAL A 64 2.70 11.24 8.20
C VAL A 64 2.11 10.40 7.08
N LYS A 65 2.35 10.79 5.82
CA LYS A 65 1.90 10.03 4.68
C LYS A 65 2.55 8.63 4.75
N ALA A 66 1.72 7.60 4.65
CA ALA A 66 2.19 6.22 4.78
C ALA A 66 1.44 5.28 3.82
N CYS A 67 2.10 4.21 3.42
CA CYS A 67 1.52 3.25 2.48
C CYS A 67 0.61 2.24 3.15
N LEU A 68 -0.47 2.73 3.74
CA LEU A 68 -1.41 1.93 4.52
C LEU A 68 -2.24 1.00 3.63
N ALA A 69 -2.32 -0.25 4.06
CA ALA A 69 -3.10 -1.28 3.36
C ALA A 69 -4.60 -0.98 3.37
N PRO A 70 -5.31 -1.31 2.29
CA PRO A 70 -6.77 -1.22 2.34
C PRO A 70 -7.29 -2.08 3.47
N VAL A 71 -8.26 -1.54 4.24
CA VAL A 71 -8.91 -2.33 5.29
C VAL A 71 -10.22 -2.83 4.68
N SER A 72 -10.28 -4.13 4.42
CA SER A 72 -11.46 -4.70 3.77
CA SER A 72 -11.45 -4.73 3.77
C SER A 72 -12.49 -5.12 4.79
N VAL A 73 -13.76 -4.90 4.45
CA VAL A 73 -14.85 -5.11 5.37
C VAL A 73 -15.76 -6.23 4.88
N TYR A 74 -16.04 -7.18 5.78
CA TYR A 74 -16.86 -8.35 5.53
C TYR A 74 -17.86 -8.52 6.66
N TYR A 75 -18.76 -7.54 6.75
CA TYR A 75 -19.76 -7.56 7.80
C TYR A 75 -20.95 -8.40 7.40
N VAL A 76 -21.66 -8.88 8.43
CA VAL A 76 -22.92 -9.60 8.26
C VAL A 76 -24.01 -9.01 9.15
N SER A 77 -25.24 -9.34 8.84
CA SER A 77 -26.38 -8.91 9.66
C SER A 77 -26.62 -9.86 10.82
N ASP A 78 -25.81 -9.74 11.87
CA ASP A 78 -26.00 -10.53 13.08
C ASP A 78 -26.16 -9.71 14.37
N ALA A 79 -26.88 -8.60 14.26
CA ALA A 79 -27.21 -7.83 15.48
C ALA A 79 -28.06 -8.64 16.45
N LYS A 80 -27.82 -8.44 17.73
CA LYS A 80 -28.55 -9.11 18.79
CA LYS A 80 -28.57 -9.12 18.79
C LYS A 80 -29.59 -8.17 19.41
N TYR A 81 -29.13 -6.98 19.76
CA TYR A 81 -29.98 -6.00 20.42
C TYR A 81 -29.28 -4.64 20.49
N VAL A 82 -30.05 -3.64 20.86
CA VAL A 82 -29.51 -2.31 21.16
C VAL A 82 -29.69 -2.05 22.65
N VAL A 83 -28.70 -1.43 23.28
CA VAL A 83 -28.76 -1.17 24.70
C VAL A 83 -28.38 0.28 24.96
N ASN A 84 -29.08 0.90 25.90
CA ASN A 84 -28.62 2.13 26.49
C ASN A 84 -27.96 1.74 27.81
N ASN A 85 -26.63 1.82 27.89
CA ASN A 85 -25.92 1.43 29.10
C ASN A 85 -25.55 2.55 30.06
N GLY A 86 -26.16 3.72 29.86
CA GLY A 86 -25.82 4.90 30.65
C GLY A 86 -24.61 5.70 30.19
N HIS A 87 -23.77 5.08 29.34
CA HIS A 87 -22.58 5.72 28.78
C HIS A 87 -22.67 5.98 27.28
N THR A 88 -23.53 5.22 26.58
CA THR A 88 -23.66 5.30 25.12
C THR A 88 -24.91 4.52 24.72
N ILE A 89 -25.22 4.57 23.43
CA ILE A 89 -26.16 3.64 22.82
C ILE A 89 -25.31 2.65 22.03
N LYS A 90 -25.51 1.37 22.28
CA LYS A 90 -24.61 0.35 21.69
C LYS A 90 -25.45 -0.75 21.03
N VAL A 91 -25.03 -1.16 19.84
CA VAL A 91 -25.67 -2.29 19.16
C VAL A 91 -24.71 -3.47 19.35
N VAL A 92 -25.19 -4.53 19.98
CA VAL A 92 -24.37 -5.72 20.26
C VAL A 92 -24.56 -6.67 19.07
N MET A 93 -23.43 -7.11 18.49
CA MET A 93 -23.44 -8.00 17.33
C MET A 93 -23.05 -9.40 17.75
N GLY A 94 -23.29 -10.35 16.84
CA GLY A 94 -23.03 -11.76 17.12
C GLY A 94 -21.57 -12.16 17.04
N GLY A 95 -20.76 -11.38 16.32
CA GLY A 95 -19.33 -11.63 16.22
C GLY A 95 -18.90 -12.46 15.00
N ARG A 96 -19.79 -12.55 14.02
CA ARG A 96 -19.52 -13.34 12.80
CA ARG A 96 -19.48 -13.34 12.82
C ARG A 96 -18.82 -12.51 11.72
N GLY A 97 -19.18 -11.23 11.63
CA GLY A 97 -18.60 -10.35 10.63
C GLY A 97 -17.25 -9.84 11.09
N TYR A 98 -16.46 -9.37 10.14
CA TYR A 98 -15.06 -9.03 10.40
C TYR A 98 -14.51 -8.01 9.41
N VAL A 99 -13.45 -7.32 9.85
CA VAL A 99 -12.56 -6.59 8.98
C VAL A 99 -11.22 -7.28 8.93
N VAL A 100 -10.47 -6.97 7.89
CA VAL A 100 -9.11 -7.49 7.76
C VAL A 100 -8.12 -6.38 7.99
N VAL A 101 -7.30 -6.56 9.03
CA VAL A 101 -6.24 -5.61 9.40
C VAL A 101 -4.99 -6.41 9.71
N ASP A 102 -3.86 -6.00 9.13
CA ASP A 102 -2.56 -6.64 9.39
C ASP A 102 -2.64 -8.13 9.03
N GLY A 103 -3.39 -8.40 7.97
CA GLY A 103 -3.55 -9.76 7.44
C GLY A 103 -4.39 -10.72 8.26
N LYS A 104 -5.13 -10.20 9.24
N LYS A 104 -5.10 -10.22 9.26
CA LYS A 104 -5.89 -11.01 10.17
CA LYS A 104 -5.94 -11.11 10.04
C LYS A 104 -7.32 -10.54 10.27
C LYS A 104 -7.33 -10.55 10.27
N ARG A 105 -8.23 -11.46 10.62
CA ARG A 105 -9.64 -11.15 10.80
C ARG A 105 -9.91 -10.67 12.22
N PHE A 106 -10.51 -9.48 12.32
CA PHE A 106 -10.96 -8.93 13.59
C PHE A 106 -12.47 -8.87 13.53
N TYR A 107 -13.11 -9.60 14.43
CA TYR A 107 -14.56 -9.84 14.38
C TYR A 107 -15.35 -8.73 15.07
N LEU A 108 -16.36 -8.24 14.35
CA LEU A 108 -17.20 -7.13 14.88
C LEU A 108 -18.08 -7.61 16.03
N LYS A 109 -17.83 -7.09 17.23
N LYS A 109 -17.82 -7.03 17.20
CA LYS A 109 -18.60 -7.47 18.42
CA LYS A 109 -18.44 -7.42 18.47
C LYS A 109 -19.74 -6.48 18.68
C LYS A 109 -19.55 -6.46 18.92
N GLN A 110 -19.47 -5.20 18.51
CA GLN A 110 -20.46 -4.17 18.90
C GLN A 110 -20.09 -2.87 18.21
N PHE A 111 -21.07 -1.99 18.04
CA PHE A 111 -20.73 -0.62 17.65
C PHE A 111 -21.54 0.35 18.53
N HIS A 112 -20.99 1.53 18.75
CA HIS A 112 -21.64 2.48 19.69
C HIS A 112 -21.24 3.89 19.33
N PHE A 113 -21.77 4.87 20.07
CA PHE A 113 -21.74 6.24 19.56
C PHE A 113 -21.31 7.29 20.58
N HIS A 114 -20.71 8.37 20.08
CA HIS A 114 -20.34 9.50 20.97
C HIS A 114 -20.76 10.84 20.34
N ALA A 115 -21.25 11.75 21.18
CA ALA A 115 -21.50 13.14 20.76
C ALA A 115 -20.95 14.03 21.85
N PRO A 116 -20.13 15.02 21.47
CA PRO A 116 -19.53 15.26 20.18
C PRO A 116 -18.50 14.16 19.89
N SER A 117 -17.78 14.31 18.81
CA SER A 117 -16.75 13.28 18.45
C SER A 117 -15.68 13.20 19.52
N GLU A 118 -15.04 12.03 19.59
CA GLU A 118 -13.94 11.88 20.53
C GLU A 118 -12.66 12.33 19.85
N HIS A 119 -12.37 11.81 18.65
CA HIS A 119 -11.26 12.33 17.90
C HIS A 119 -11.58 13.71 17.34
N THR A 120 -10.55 14.54 17.28
CA THR A 120 -10.66 15.84 16.59
C THR A 120 -9.72 15.88 15.38
N VAL A 121 -10.01 16.75 14.42
CA VAL A 121 -9.14 16.93 13.27
C VAL A 121 -8.82 18.42 13.16
N ASN A 122 -7.53 18.72 13.17
CA ASN A 122 -7.06 20.12 13.17
C ASN A 122 -7.68 20.92 14.31
N GLY A 123 -7.86 20.24 15.44
CA GLY A 123 -8.35 20.85 16.67
C GLY A 123 -9.85 21.01 16.77
N LYS A 124 -10.57 20.49 15.77
CA LYS A 124 -12.02 20.63 15.71
CA LYS A 124 -12.02 20.63 15.69
C LYS A 124 -12.78 19.30 15.82
N HIS A 125 -13.86 19.33 16.59
CA HIS A 125 -14.77 18.18 16.71
C HIS A 125 -15.68 18.06 15.52
N TYR A 126 -16.04 16.83 15.20
CA TYR A 126 -17.28 16.57 14.47
C TYR A 126 -18.41 16.43 15.50
N PRO A 127 -19.68 16.60 15.07
CA PRO A 127 -20.73 16.50 16.09
C PRO A 127 -20.99 15.09 16.67
N PHE A 128 -20.47 14.04 16.00
CA PHE A 128 -20.90 12.68 16.34
C PHE A 128 -19.82 11.75 15.79
N GLU A 129 -19.60 10.64 16.49
CA GLU A 129 -18.58 9.65 16.07
C GLU A 129 -19.07 8.25 16.46
N ALA A 130 -18.99 7.30 15.52
CA ALA A 130 -19.34 5.89 15.76
C ALA A 130 -18.06 5.06 15.86
N HIS A 131 -18.07 4.10 16.78
CA HIS A 131 -16.92 3.20 16.99
C HIS A 131 -17.41 1.80 16.73
N PHE A 132 -16.68 1.10 15.86
CA PHE A 132 -17.00 -0.31 15.57
C PHE A 132 -15.87 -1.12 16.22
N VAL A 133 -16.21 -1.95 17.22
CA VAL A 133 -15.23 -2.59 18.09
C VAL A 133 -15.06 -4.05 17.66
N HIS A 134 -13.82 -4.47 17.40
CA HIS A 134 -13.54 -5.79 16.80
C HIS A 134 -12.50 -6.50 17.65
N LEU A 135 -12.65 -7.83 17.77
CA LEU A 135 -11.64 -8.61 18.49
CA LEU A 135 -11.71 -8.65 18.53
C LEU A 135 -11.16 -9.72 17.58
N ASP A 136 -9.85 -9.91 17.54
CA ASP A 136 -9.31 -11.04 16.75
C ASP A 136 -9.41 -12.33 17.58
N LYS A 137 -8.93 -13.43 17.01
CA LYS A 137 -8.97 -14.75 17.67
C LYS A 137 -8.34 -14.73 19.07
N ASN A 138 -7.33 -13.88 19.26
CA ASN A 138 -6.58 -13.83 20.50
C ASN A 138 -6.97 -12.67 21.43
N GLY A 139 -8.07 -12.00 21.11
CA GLY A 139 -8.56 -10.92 21.97
C GLY A 139 -8.00 -9.54 21.67
N ASN A 140 -7.13 -9.42 20.67
CA ASN A 140 -6.60 -8.10 20.28
C ASN A 140 -7.68 -7.25 19.65
N ILE A 141 -7.68 -5.95 20.00
CA ILE A 141 -8.77 -5.05 19.60
C ILE A 141 -8.41 -4.09 18.46
N THR A 142 -9.34 -3.96 17.53
CA THR A 142 -9.28 -2.93 16.48
C THR A 142 -10.59 -2.15 16.51
N VAL A 143 -10.47 -0.83 16.55
CA VAL A 143 -11.65 -0.01 16.51
C VAL A 143 -11.64 0.80 15.21
N LEU A 144 -12.75 0.75 14.46
CA LEU A 144 -12.94 1.61 13.30
C LEU A 144 -13.79 2.80 13.74
N GLY A 145 -13.31 4.02 13.44
CA GLY A 145 -14.04 5.24 13.84
C GLY A 145 -14.58 5.91 12.60
N VAL A 146 -15.83 6.36 12.69
CA VAL A 146 -16.48 7.04 11.58
C VAL A 146 -17.02 8.37 12.12
N PHE A 147 -16.57 9.46 11.52
CA PHE A 147 -17.16 10.79 11.85
C PHE A 147 -18.47 11.02 11.13
N PHE A 148 -19.40 11.72 11.79
CA PHE A 148 -20.65 12.09 11.16
C PHE A 148 -20.75 13.62 11.17
N LYS A 149 -21.27 14.16 10.07
CA LYS A 149 -21.64 15.59 10.03
C LYS A 149 -23.14 15.70 9.86
N VAL A 150 -23.71 16.85 10.20
CA VAL A 150 -25.12 17.06 10.01
C VAL A 150 -25.42 17.32 8.53
N GLY A 151 -26.40 16.60 8.03
CA GLY A 151 -26.83 16.73 6.64
C GLY A 151 -28.05 15.88 6.44
N LYS A 152 -28.01 15.01 5.44
CA LYS A 152 -29.17 14.18 5.12
C LYS A 152 -29.40 13.06 6.15
N GLU A 153 -30.67 12.72 6.36
CA GLU A 153 -31.03 11.62 7.26
CA GLU A 153 -31.08 11.62 7.23
C GLU A 153 -30.34 10.34 6.85
N ASN A 154 -29.86 9.62 7.85
CA ASN A 154 -29.15 8.35 7.65
C ASN A 154 -30.06 7.14 7.81
N PRO A 155 -30.38 6.46 6.69
CA PRO A 155 -31.37 5.38 6.67
C PRO A 155 -30.96 4.21 7.54
N GLU A 156 -29.65 3.92 7.56
CA GLU A 156 -29.16 2.79 8.34
C GLU A 156 -29.23 3.10 9.82
N LEU A 157 -28.81 4.31 10.19
CA LEU A 157 -28.87 4.74 11.57
C LEU A 157 -30.30 4.73 12.11
N GLU A 158 -31.26 5.07 11.24
CA GLU A 158 -32.67 5.11 11.61
C GLU A 158 -33.22 3.77 12.08
N LYS A 159 -32.73 2.66 11.51
CA LYS A 159 -33.12 1.32 11.94
C LYS A 159 -32.88 1.11 13.43
N VAL A 160 -31.81 1.72 13.95
CA VAL A 160 -31.46 1.62 15.36
C VAL A 160 -32.17 2.73 16.14
N TRP A 161 -32.17 3.92 15.59
CA TRP A 161 -32.72 5.09 16.28
C TRP A 161 -34.19 4.94 16.57
N ARG A 162 -34.94 4.29 15.65
CA ARG A 162 -36.38 4.17 15.85
C ARG A 162 -36.76 3.29 17.03
N VAL A 163 -35.83 2.47 17.52
CA VAL A 163 -36.02 1.68 18.74
C VAL A 163 -34.99 1.97 19.84
N MET A 164 -34.42 3.18 19.83
CA MET A 164 -33.40 3.55 20.81
C MET A 164 -33.93 3.48 22.24
N PRO A 165 -33.26 2.69 23.10
CA PRO A 165 -33.72 2.63 24.48
C PRO A 165 -33.51 3.96 25.20
N GLU A 166 -34.59 4.51 25.74
CA GLU A 166 -34.52 5.86 26.34
C GLU A 166 -33.93 5.96 27.73
N GLU A 167 -33.86 4.84 28.45
CA GLU A 167 -33.34 4.85 29.81
C GLU A 167 -32.17 3.88 29.96
N PRO A 168 -31.18 4.24 30.80
CA PRO A 168 -30.05 3.38 31.14
C PRO A 168 -30.49 2.01 31.64
N GLY A 169 -29.84 0.97 31.12
CA GLY A 169 -30.15 -0.40 31.52
C GLY A 169 -31.18 -1.10 30.66
N GLN A 170 -31.83 -0.34 29.77
CA GLN A 170 -32.81 -0.91 28.84
C GLN A 170 -32.17 -1.46 27.58
N LYS A 171 -32.66 -2.63 27.17
CA LYS A 171 -32.29 -3.28 25.91
C LYS A 171 -33.54 -3.45 25.05
N ARG A 172 -33.38 -3.27 23.74
CA ARG A 172 -34.48 -3.48 22.79
C ARG A 172 -34.01 -4.42 21.69
N HIS A 173 -34.93 -5.32 21.33
N HIS A 173 -34.94 -5.05 20.96
CA HIS A 173 -34.73 -6.27 20.29
CA HIS A 173 -34.62 -6.13 19.99
C HIS A 173 -34.95 -5.48 19.02
C HIS A 173 -33.95 -5.90 18.60
N LEU A 174 -34.06 -5.70 18.06
N LEU A 174 -34.28 -4.83 17.86
CA LEU A 174 -34.06 -5.01 16.77
CA LEU A 174 -33.87 -4.73 16.46
C LEU A 174 -34.80 -5.84 15.71
C LEU A 174 -34.68 -5.72 15.62
N THR A 175 -35.78 -5.22 15.06
CA THR A 175 -36.62 -5.95 14.10
C THR A 175 -36.05 -5.87 12.68
N ALA A 176 -35.62 -4.67 12.29
CA ALA A 176 -34.98 -4.46 10.99
C ALA A 176 -33.62 -5.14 10.97
N ARG A 177 -33.20 -5.61 9.79
CA ARG A 177 -31.88 -6.21 9.66
CA ARG A 177 -31.88 -6.20 9.62
C ARG A 177 -30.82 -5.11 9.56
N ILE A 178 -29.79 -5.25 10.38
CA ILE A 178 -28.74 -4.24 10.47
C ILE A 178 -27.60 -4.57 9.52
N ASP A 179 -27.27 -3.60 8.68
CA ASP A 179 -26.15 -3.69 7.74
C ASP A 179 -25.08 -2.67 8.12
N PRO A 180 -24.22 -3.02 9.09
CA PRO A 180 -23.24 -2.03 9.60
C PRO A 180 -22.33 -1.44 8.55
N GLU A 181 -22.08 -2.16 7.44
CA GLU A 181 -21.24 -1.64 6.36
CA GLU A 181 -21.23 -1.62 6.38
C GLU A 181 -21.81 -0.35 5.74
N LYS A 182 -23.13 -0.24 5.74
CA LYS A 182 -23.80 0.94 5.17
CA LYS A 182 -23.83 0.93 5.18
C LYS A 182 -23.58 2.21 6.00
N LEU A 183 -23.05 2.04 7.22
CA LEU A 183 -22.67 3.18 8.08
C LEU A 183 -21.27 3.75 7.80
N LEU A 184 -20.44 3.00 7.09
CA LEU A 184 -19.11 3.47 6.70
C LEU A 184 -19.16 4.42 5.49
N PRO A 185 -18.17 5.33 5.38
CA PRO A 185 -18.07 6.22 4.21
C PRO A 185 -17.76 5.43 2.94
N GLU A 186 -18.11 6.00 1.79
CA GLU A 186 -17.84 5.34 0.51
CA GLU A 186 -17.84 5.37 0.48
C GLU A 186 -16.34 5.29 0.23
N ASN A 187 -15.65 6.39 0.50
CA ASN A 187 -14.18 6.44 0.42
C ASN A 187 -13.61 5.85 1.71
N ARG A 188 -12.74 4.84 1.59
CA ARG A 188 -12.27 4.10 2.76
C ARG A 188 -10.85 4.44 3.20
N ASP A 189 -10.35 5.58 2.73
CA ASP A 189 -9.07 6.12 3.20
C ASP A 189 -9.15 6.47 4.69
N TYR A 190 -8.06 6.24 5.41
CA TYR A 190 -8.10 6.32 6.87
C TYR A 190 -6.80 6.81 7.48
N TYR A 191 -6.93 7.33 8.69
CA TYR A 191 -5.81 7.56 9.58
C TYR A 191 -5.65 6.31 10.45
N ARG A 192 -4.40 5.96 10.78
CA ARG A 192 -4.12 4.87 11.71
C ARG A 192 -3.12 5.26 12.77
N TYR A 193 -3.39 4.84 14.00
CA TYR A 193 -2.43 4.98 15.09
C TYR A 193 -2.65 3.90 16.14
N SER A 194 -1.68 3.74 17.03
CA SER A 194 -1.74 2.79 18.11
C SER A 194 -2.21 3.54 19.33
N GLY A 195 -3.34 3.14 19.87
CA GLY A 195 -3.87 3.83 21.05
C GLY A 195 -4.54 2.91 22.04
N SER A 196 -5.71 3.33 22.52
CA SER A 196 -6.31 2.71 23.68
C SER A 196 -7.83 2.71 23.57
N LEU A 197 -8.50 1.96 24.44
CA LEU A 197 -9.96 2.13 24.57
C LEU A 197 -10.17 3.53 25.15
N THR A 198 -11.28 4.16 24.78
CA THR A 198 -11.57 5.52 25.26
C THR A 198 -12.46 5.54 26.48
N THR A 199 -12.80 4.37 27.00
CA THR A 199 -13.58 4.24 28.23
C THR A 199 -12.84 3.26 29.14
N PRO A 200 -13.01 3.38 30.47
CA PRO A 200 -12.36 2.45 31.41
C PRO A 200 -12.59 0.99 30.99
N PRO A 201 -11.53 0.17 31.04
CA PRO A 201 -10.22 0.36 31.63
C PRO A 201 -9.14 1.07 30.78
N CYS A 202 -9.50 1.63 29.62
CA CYS A 202 -8.53 2.42 28.87
CA CYS A 202 -8.59 2.36 28.73
C CYS A 202 -7.36 1.54 28.40
N SER A 203 -7.61 0.25 28.15
CA SER A 203 -6.53 -0.67 27.76
C SER A 203 -5.80 -0.22 26.50
N GLU A 204 -4.48 -0.38 26.49
CA GLU A 204 -3.66 -0.05 25.32
C GLU A 204 -3.43 -1.27 24.42
N GLY A 205 -2.54 -1.12 23.44
CA GLY A 205 -2.47 -2.07 22.31
C GLY A 205 -3.68 -2.14 21.40
N VAL A 206 -4.40 -1.01 21.28
CA VAL A 206 -5.57 -0.94 20.41
C VAL A 206 -5.21 -0.32 19.04
N ARG A 207 -5.56 -1.02 17.94
CA ARG A 207 -5.38 -0.50 16.60
C ARG A 207 -6.54 0.43 16.28
N TRP A 208 -6.23 1.69 15.96
CA TRP A 208 -7.26 2.64 15.53
C TRP A 208 -7.21 2.88 14.03
N ILE A 209 -8.39 2.76 13.41
CA ILE A 209 -8.61 3.02 12.00
C ILE A 209 -9.71 4.07 11.92
N VAL A 210 -9.33 5.32 11.65
CA VAL A 210 -10.30 6.46 11.69
C VAL A 210 -10.47 6.95 10.25
N PHE A 211 -11.65 6.71 9.68
CA PHE A 211 -11.93 7.08 8.27
C PHE A 211 -11.91 8.59 8.10
N LYS A 212 -11.30 9.04 7.00
CA LYS A 212 -11.11 10.49 6.79
C LYS A 212 -12.41 11.18 6.40
N GLU A 213 -13.21 10.51 5.59
CA GLU A 213 -14.46 11.10 5.06
C GLU A 213 -15.62 10.91 6.04
N PRO A 214 -16.28 12.02 6.44
CA PRO A 214 -17.43 11.87 7.32
C PRO A 214 -18.70 11.39 6.59
N VAL A 215 -19.59 10.79 7.35
CA VAL A 215 -20.91 10.33 6.90
CA VAL A 215 -20.89 10.43 6.80
C VAL A 215 -21.94 11.36 7.40
N GLU A 216 -23.11 11.42 6.76
CA GLU A 216 -24.14 12.37 7.19
C GLU A 216 -25.21 11.74 8.04
N MET A 217 -25.78 12.54 8.95
CA MET A 217 -26.95 12.19 9.74
C MET A 217 -27.80 13.45 9.79
N SER A 218 -29.07 13.29 10.07
CA SER A 218 -29.94 14.48 10.17
C SER A 218 -29.76 15.21 11.50
N ARG A 219 -30.12 16.48 11.49
CA ARG A 219 -30.24 17.32 12.68
CA ARG A 219 -30.15 17.27 12.71
C ARG A 219 -31.06 16.59 13.74
N GLU A 220 -32.16 15.99 13.27
CA GLU A 220 -33.11 15.31 14.15
CA GLU A 220 -33.12 15.31 14.14
C GLU A 220 -32.49 14.06 14.77
N GLN A 221 -31.71 13.33 13.98
CA GLN A 221 -31.06 12.11 14.50
C GLN A 221 -30.04 12.45 15.59
N LEU A 222 -29.27 13.50 15.35
CA LEU A 222 -28.26 13.95 16.30
C LEU A 222 -28.93 14.43 17.57
N GLU A 223 -29.99 15.24 17.41
CA GLU A 223 -30.72 15.76 18.56
C GLU A 223 -31.30 14.66 19.43
N LYS A 224 -31.88 13.64 18.79
CA LYS A 224 -32.46 12.52 19.51
C LYS A 224 -31.40 11.85 20.38
N PHE A 225 -30.23 11.58 19.79
CA PHE A 225 -29.15 10.93 20.57
C PHE A 225 -28.71 11.78 21.76
N ARG A 226 -28.45 13.05 21.49
CA ARG A 226 -27.97 13.96 22.54
CA ARG A 226 -27.98 13.96 22.53
C ARG A 226 -28.98 14.13 23.67
N LYS A 227 -30.27 14.19 23.33
CA LYS A 227 -31.31 14.34 24.35
CA LYS A 227 -31.32 14.34 24.34
C LYS A 227 -31.43 13.08 25.20
N VAL A 228 -31.35 11.91 24.56
CA VAL A 228 -31.46 10.63 25.28
C VAL A 228 -30.29 10.51 26.26
N MET A 229 -29.09 10.82 25.79
CA MET A 229 -27.91 10.78 26.65
CA MET A 229 -27.88 10.80 26.64
C MET A 229 -27.96 11.82 27.76
N GLY A 230 -28.30 13.05 27.37
CA GLY A 230 -28.39 14.16 28.31
C GLY A 230 -27.08 14.86 28.70
N PHE A 231 -25.94 14.37 28.21
CA PHE A 231 -24.62 14.95 28.51
C PHE A 231 -23.68 14.54 27.37
N ASP A 232 -22.56 15.25 27.24
CA ASP A 232 -21.54 14.92 26.24
C ASP A 232 -20.80 13.68 26.74
N ASN A 233 -20.64 12.67 25.87
CA ASN A 233 -20.02 11.41 26.30
C ASN A 233 -18.68 11.15 25.57
N ASN A 234 -17.94 12.22 25.34
CA ASN A 234 -16.59 12.11 24.77
C ASN A 234 -15.49 12.27 25.81
N ARG A 235 -14.49 11.37 25.75
CA ARG A 235 -13.27 11.53 26.53
C ARG A 235 -12.44 12.65 25.90
N PRO A 236 -11.84 13.55 26.72
CA PRO A 236 -10.95 14.56 26.16
C PRO A 236 -9.81 13.94 25.37
N VAL A 237 -9.34 14.66 24.36
CA VAL A 237 -8.18 14.20 23.59
C VAL A 237 -6.95 14.08 24.49
N GLN A 238 -6.10 13.11 24.15
CA GLN A 238 -4.91 12.74 24.93
C GLN A 238 -3.62 13.06 24.19
N PRO A 239 -2.49 13.24 24.93
CA PRO A 239 -1.24 13.63 24.27
C PRO A 239 -0.74 12.53 23.32
N LEU A 240 -0.26 12.96 22.17
N LEU A 240 -0.28 12.95 22.16
CA LEU A 240 0.28 12.04 21.18
CA LEU A 240 0.30 12.03 21.16
C LEU A 240 1.55 11.36 21.68
C LEU A 240 1.56 11.35 21.69
N ASN A 241 2.33 12.09 22.48
CA ASN A 241 3.61 11.61 23.01
C ASN A 241 4.53 11.16 21.87
N ALA A 242 4.97 9.90 21.88
CA ALA A 242 5.95 9.46 20.90
C ALA A 242 5.37 9.09 19.53
N ARG A 243 4.05 9.03 19.43
CA ARG A 243 3.37 8.51 18.24
C ARG A 243 3.29 9.44 17.05
N LYS A 244 3.23 8.83 15.88
CA LYS A 244 2.80 9.48 14.64
CA LYS A 244 2.78 9.52 14.69
C LYS A 244 1.44 8.93 14.26
N VAL A 245 0.58 9.77 13.70
CA VAL A 245 -0.61 9.29 13.05
C VAL A 245 -0.27 9.06 11.57
N MET A 246 -0.59 7.88 11.06
CA MET A 246 -0.35 7.58 9.64
CA MET A 246 -0.34 7.57 9.66
C MET A 246 -1.55 7.98 8.81
N LYS A 247 -1.29 8.57 7.65
CA LYS A 247 -2.37 9.06 6.77
C LYS A 247 -2.13 8.68 5.29
N GLY B 23 14.32 0.35 -40.42
CA GLY B 23 15.04 1.39 -39.64
C GLY B 23 16.28 1.90 -40.34
N ALA B 24 17.45 1.44 -39.87
CA ALA B 24 18.76 1.82 -40.43
C ALA B 24 19.88 0.89 -39.94
N HIS B 25 20.83 1.44 -39.18
CA HIS B 25 22.00 0.70 -38.70
C HIS B 25 22.59 1.38 -37.46
N TRP B 26 23.21 0.59 -36.57
CA TRP B 26 23.75 1.13 -35.30
C TRP B 26 24.78 0.24 -34.57
N GLY B 27 25.48 0.83 -33.61
CA GLY B 27 26.51 0.13 -32.81
C GLY B 27 26.85 0.85 -31.51
N TYR B 28 28.06 0.62 -30.98
CA TYR B 28 28.46 1.24 -29.71
C TYR B 28 29.76 2.06 -29.75
N SER B 29 30.27 2.32 -30.97
CA SER B 29 31.46 3.14 -31.15
C SER B 29 31.38 3.99 -32.43
N GLY B 30 32.06 5.14 -32.43
CA GLY B 30 32.16 5.99 -33.62
C GLY B 30 30.85 6.58 -34.11
N SER B 31 30.72 6.72 -35.43
CA SER B 31 29.52 7.33 -36.04
C SER B 31 28.29 6.44 -35.95
N ILE B 32 28.47 5.21 -35.49
CA ILE B 32 27.33 4.32 -35.23
C ILE B 32 27.08 4.11 -33.73
N GLY B 33 27.92 4.70 -32.89
CA GLY B 33 27.77 4.62 -31.42
C GLY B 33 26.61 5.44 -30.89
N PRO B 34 26.28 5.29 -29.59
CA PRO B 34 25.06 5.82 -28.97
C PRO B 34 24.83 7.31 -29.20
N GLU B 35 25.92 8.09 -29.14
CA GLU B 35 25.84 9.55 -29.30
C GLU B 35 25.34 10.00 -30.68
N HIS B 36 25.37 9.09 -31.64
CA HIS B 36 25.00 9.43 -33.03
C HIS B 36 23.70 8.79 -33.52
N TRP B 37 23.22 7.73 -32.85
CA TRP B 37 22.01 7.01 -33.27
C TRP B 37 20.87 7.92 -33.76
N GLY B 38 20.70 9.06 -33.10
CA GLY B 38 19.58 9.97 -33.34
C GLY B 38 19.42 10.57 -34.74
N ASP B 39 20.51 10.64 -35.50
CA ASP B 39 20.46 11.24 -36.83
C ASP B 39 20.40 10.20 -37.94
N LEU B 40 20.64 8.93 -37.58
CA LEU B 40 20.79 7.85 -38.55
C LEU B 40 19.51 7.42 -39.29
N SER B 41 18.36 7.96 -38.87
CA SER B 41 17.07 7.68 -39.50
C SER B 41 15.97 8.58 -38.93
N PRO B 42 14.98 8.96 -39.77
CA PRO B 42 13.83 9.72 -39.26
C PRO B 42 12.95 8.92 -38.27
N GLU B 43 13.20 7.62 -38.18
CA GLU B 43 12.51 6.75 -37.22
C GLU B 43 13.35 6.56 -35.96
N TYR B 44 14.58 7.09 -35.99
CA TYR B 44 15.46 7.14 -34.83
C TYR B 44 15.42 8.56 -34.24
N LEU B 45 14.24 9.16 -34.25
CA LEU B 45 14.08 10.58 -33.91
C LEU B 45 14.08 10.84 -32.40
N MET B 46 13.20 10.15 -31.68
CA MET B 46 13.01 10.34 -30.24
C MET B 46 14.35 10.31 -29.51
N CYS B 47 15.31 9.66 -30.16
CA CYS B 47 16.66 9.51 -29.63
CA CYS B 47 16.68 9.49 -29.74
C CYS B 47 17.44 10.82 -29.64
N LYS B 48 16.73 11.94 -29.70
CA LYS B 48 17.35 13.26 -29.57
C LYS B 48 16.28 14.29 -29.21
N ILE B 49 15.09 14.12 -29.76
CA ILE B 49 13.95 14.97 -29.44
C ILE B 49 13.22 14.44 -28.19
N GLY B 50 13.50 13.19 -27.83
CA GLY B 50 12.87 12.56 -26.68
C GLY B 50 13.31 13.18 -25.37
N LYS B 51 12.39 13.27 -24.42
CA LYS B 51 12.68 13.87 -23.12
C LYS B 51 12.62 12.80 -22.01
N ASN B 52 12.28 11.58 -22.40
CA ASN B 52 12.01 10.49 -21.47
C ASN B 52 12.80 9.22 -21.83
N GLN B 53 14.12 9.33 -21.85
CA GLN B 53 14.97 8.25 -22.35
C GLN B 53 15.57 7.39 -21.24
N SER B 54 16.08 6.23 -21.62
CA SER B 54 16.73 5.29 -20.71
C SER B 54 18.09 4.91 -21.27
N PRO B 55 19.03 4.49 -20.39
CA PRO B 55 18.87 4.33 -18.96
C PRO B 55 19.04 5.66 -18.24
N ILE B 56 18.91 5.63 -16.92
CA ILE B 56 19.11 6.82 -16.10
C ILE B 56 19.96 6.47 -14.89
N ASP B 57 20.50 7.52 -14.27
CA ASP B 57 21.09 7.34 -12.96
C ASP B 57 19.96 7.42 -11.95
N ILE B 58 19.99 6.48 -11.03
CA ILE B 58 19.06 6.46 -9.92
C ILE B 58 19.83 6.94 -8.69
N ASN B 59 19.45 8.12 -8.19
CA ASN B 59 20.13 8.73 -7.06
C ASN B 59 19.15 9.34 -6.06
N SER B 60 19.67 9.92 -4.98
CA SER B 60 18.85 10.54 -3.94
C SER B 60 18.03 11.73 -4.42
N ALA B 61 18.59 12.52 -5.34
CA ALA B 61 17.96 13.76 -5.78
C ALA B 61 16.78 13.54 -6.71
N ASP B 62 16.79 12.44 -7.46
CA ASP B 62 15.79 12.19 -8.48
C ASP B 62 14.73 11.16 -8.09
N ALA B 63 14.90 10.54 -6.92
CA ALA B 63 14.01 9.47 -6.47
C ALA B 63 13.08 9.94 -5.35
N VAL B 64 11.84 9.45 -5.38
CA VAL B 64 10.86 9.80 -4.37
C VAL B 64 10.20 8.54 -3.85
N LYS B 65 10.17 8.40 -2.53
CA LYS B 65 9.50 7.27 -1.91
C LYS B 65 8.01 7.29 -2.28
N ALA B 66 7.48 6.14 -2.73
CA ALA B 66 6.14 6.07 -3.30
C ALA B 66 5.50 4.70 -3.00
N CYS B 67 4.18 4.67 -2.91
CA CYS B 67 3.48 3.46 -2.50
C CYS B 67 3.26 2.49 -3.67
N LEU B 68 4.37 2.02 -4.24
CA LEU B 68 4.36 1.17 -5.44
C LEU B 68 3.77 -0.20 -5.19
N ALA B 69 2.87 -0.58 -6.08
CA ALA B 69 2.23 -1.89 -6.04
C ALA B 69 3.26 -3.01 -6.29
N PRO B 70 3.12 -4.15 -5.62
CA PRO B 70 4.01 -5.26 -5.96
C PRO B 70 3.81 -5.63 -7.43
N VAL B 71 4.91 -5.92 -8.12
CA VAL B 71 4.84 -6.38 -9.50
C VAL B 71 4.96 -7.90 -9.48
N SER B 72 3.84 -8.56 -9.76
CA SER B 72 3.76 -10.00 -9.67
C SER B 72 4.19 -10.64 -10.97
N VAL B 73 4.94 -11.73 -10.84
CA VAL B 73 5.60 -12.36 -11.98
C VAL B 73 5.07 -13.80 -12.17
N TYR B 74 4.67 -14.11 -13.40
CA TYR B 74 4.08 -15.41 -13.72
C TYR B 74 4.69 -15.90 -15.03
N TYR B 75 5.96 -16.30 -14.96
CA TYR B 75 6.66 -16.75 -16.14
C TYR B 75 6.47 -18.25 -16.35
N VAL B 76 6.59 -18.66 -17.61
CA VAL B 76 6.58 -20.07 -18.00
C VAL B 76 7.81 -20.41 -18.83
N SER B 77 8.12 -21.69 -18.95
CA SER B 77 9.30 -22.12 -19.69
C SER B 77 9.01 -22.30 -21.18
N ASP B 78 8.79 -21.18 -21.88
CA ASP B 78 8.50 -21.24 -23.31
C ASP B 78 9.59 -20.59 -24.18
N ALA B 79 10.85 -20.78 -23.79
CA ALA B 79 11.96 -20.26 -24.59
C ALA B 79 12.00 -21.00 -25.92
N LYS B 80 12.27 -20.28 -26.99
CA LYS B 80 12.33 -20.86 -28.34
CA LYS B 80 12.36 -20.91 -28.31
C LYS B 80 13.79 -21.05 -28.80
N TYR B 81 14.58 -19.99 -28.70
CA TYR B 81 16.00 -20.02 -29.06
C TYR B 81 16.81 -18.90 -28.40
N VAL B 82 18.13 -19.11 -28.30
CA VAL B 82 19.10 -18.08 -27.87
C VAL B 82 19.86 -17.55 -29.11
N VAL B 83 19.96 -16.23 -29.24
CA VAL B 83 20.48 -15.61 -30.45
C VAL B 83 21.56 -14.58 -30.14
N ASN B 84 22.67 -14.63 -30.89
CA ASN B 84 23.67 -13.57 -30.91
C ASN B 84 23.38 -12.68 -32.12
N ASN B 85 22.77 -11.54 -31.86
CA ASN B 85 22.39 -10.62 -32.93
C ASN B 85 23.38 -9.45 -33.08
N GLY B 86 24.58 -9.64 -32.54
CA GLY B 86 25.64 -8.63 -32.65
C GLY B 86 25.58 -7.52 -31.62
N HIS B 87 24.39 -7.32 -31.06
CA HIS B 87 24.13 -6.26 -30.08
C HIS B 87 24.11 -6.79 -28.65
N THR B 88 23.66 -8.03 -28.50
CA THR B 88 23.56 -8.70 -27.20
C THR B 88 23.50 -10.23 -27.37
N ILE B 89 23.35 -10.94 -26.25
CA ILE B 89 22.97 -12.35 -26.25
C ILE B 89 21.53 -12.36 -25.75
N LYS B 90 20.63 -12.92 -26.56
CA LYS B 90 19.19 -12.77 -26.35
C LYS B 90 18.48 -14.12 -26.34
N VAL B 91 17.56 -14.29 -25.40
CA VAL B 91 16.73 -15.49 -25.34
C VAL B 91 15.30 -15.12 -25.71
N VAL B 92 14.83 -15.67 -26.83
CA VAL B 92 13.51 -15.35 -27.37
C VAL B 92 12.49 -16.33 -26.76
N MET B 93 11.40 -15.79 -26.21
CA MET B 93 10.38 -16.60 -25.54
C MET B 93 9.10 -16.66 -26.35
N GLY B 94 8.27 -17.66 -26.05
CA GLY B 94 7.02 -17.89 -26.78
C GLY B 94 5.93 -16.85 -26.54
N GLY B 95 6.06 -16.08 -25.46
CA GLY B 95 5.10 -15.00 -25.18
C GLY B 95 3.94 -15.39 -24.29
N ARG B 96 4.05 -16.52 -23.59
CA ARG B 96 2.95 -17.01 -22.75
C ARG B 96 3.03 -16.53 -21.30
N GLY B 97 4.24 -16.41 -20.77
CA GLY B 97 4.46 -15.89 -19.41
C GLY B 97 4.25 -14.38 -19.38
N TYR B 98 3.96 -13.83 -18.21
CA TYR B 98 3.65 -12.41 -18.11
C TYR B 98 3.92 -11.83 -16.71
N VAL B 99 3.99 -10.51 -16.65
CA VAL B 99 3.99 -9.77 -15.37
C VAL B 99 2.74 -8.89 -15.28
N VAL B 100 2.33 -8.56 -14.05
CA VAL B 100 1.20 -7.68 -13.86
C VAL B 100 1.67 -6.31 -13.40
N VAL B 101 1.36 -5.29 -14.20
CA VAL B 101 1.69 -3.90 -13.90
C VAL B 101 0.46 -3.03 -14.19
N ASP B 102 0.15 -2.15 -13.25
CA ASP B 102 -1.06 -1.31 -13.32
C ASP B 102 -2.34 -2.10 -13.57
N GLY B 103 -2.41 -3.32 -13.04
CA GLY B 103 -3.58 -4.19 -13.20
C GLY B 103 -3.74 -4.82 -14.59
N LYS B 104 -2.70 -4.73 -15.41
CA LYS B 104 -2.71 -5.29 -16.77
C LYS B 104 -1.60 -6.32 -16.93
N ARG B 105 -1.82 -7.29 -17.82
CA ARG B 105 -0.82 -8.33 -18.10
C ARG B 105 0.09 -7.93 -19.25
N PHE B 106 1.39 -8.03 -19.00
CA PHE B 106 2.42 -7.73 -19.99
C PHE B 106 3.24 -8.99 -20.21
N TYR B 107 3.20 -9.52 -21.44
CA TYR B 107 3.72 -10.86 -21.74
C TYR B 107 5.19 -10.89 -22.14
N LEU B 108 5.96 -11.80 -21.55
CA LEU B 108 7.40 -11.88 -21.79
C LEU B 108 7.74 -12.37 -23.20
N LYS B 109 8.26 -11.46 -24.03
CA LYS B 109 8.60 -11.78 -25.42
C LYS B 109 10.05 -12.22 -25.55
N GLN B 110 10.94 -11.59 -24.79
CA GLN B 110 12.37 -11.90 -24.82
C GLN B 110 13.12 -11.29 -23.65
N PHE B 111 14.28 -11.84 -23.31
CA PHE B 111 15.22 -11.19 -22.40
C PHE B 111 16.66 -11.21 -22.92
N HIS B 112 17.47 -10.26 -22.44
CA HIS B 112 18.83 -10.08 -22.97
C HIS B 112 19.77 -9.39 -21.98
N PHE B 113 21.04 -9.20 -22.36
CA PHE B 113 22.06 -8.80 -21.38
C PHE B 113 22.96 -7.63 -21.78
N HIS B 114 23.44 -6.90 -20.76
CA HIS B 114 24.38 -5.78 -20.94
C HIS B 114 25.55 -5.84 -19.97
N ALA B 115 26.75 -5.54 -20.48
CA ALA B 115 27.92 -5.36 -19.64
C ALA B 115 28.69 -4.11 -20.09
N PRO B 116 29.01 -3.20 -19.16
CA PRO B 116 28.52 -3.16 -17.78
C PRO B 116 27.04 -2.81 -17.74
N SER B 117 26.49 -2.57 -16.54
CA SER B 117 25.08 -2.20 -16.42
C SER B 117 24.77 -0.92 -17.19
N GLU B 118 23.55 -0.82 -17.71
CA GLU B 118 23.09 0.39 -18.37
C GLU B 118 22.65 1.40 -17.33
N HIS B 119 21.75 1.00 -16.44
CA HIS B 119 21.38 1.85 -15.31
C HIS B 119 22.51 1.92 -14.28
N THR B 120 22.66 3.09 -13.67
CA THR B 120 23.58 3.27 -12.54
C THR B 120 22.81 3.61 -11.27
N VAL B 121 23.37 3.24 -10.13
CA VAL B 121 22.79 3.66 -8.85
C VAL B 121 23.83 4.54 -8.15
N ASN B 122 23.44 5.79 -7.91
CA ASN B 122 24.31 6.82 -7.35
C ASN B 122 25.60 7.01 -8.17
N GLY B 123 25.46 6.91 -9.50
CA GLY B 123 26.55 7.13 -10.44
C GLY B 123 27.47 5.94 -10.71
N LYS B 124 27.19 4.82 -10.03
CA LYS B 124 28.04 3.63 -10.07
CA LYS B 124 28.04 3.63 -10.07
C LYS B 124 27.39 2.48 -10.83
N HIS B 125 28.14 1.89 -11.76
CA HIS B 125 27.68 0.75 -12.56
C HIS B 125 27.76 -0.56 -11.80
N TYR B 126 26.85 -1.46 -12.14
CA TYR B 126 27.02 -2.87 -11.79
C TYR B 126 27.72 -3.54 -12.99
N PRO B 127 28.44 -4.65 -12.76
CA PRO B 127 29.20 -5.30 -13.84
C PRO B 127 28.33 -5.79 -14.99
N PHE B 128 27.03 -5.90 -14.77
CA PHE B 128 26.15 -6.68 -15.64
C PHE B 128 24.69 -6.36 -15.32
N GLU B 129 23.86 -6.30 -16.36
CA GLU B 129 22.42 -6.01 -16.24
C GLU B 129 21.60 -6.88 -17.21
N ALA B 130 20.54 -7.50 -16.69
CA ALA B 130 19.59 -8.26 -17.52
C ALA B 130 18.31 -7.48 -17.74
N HIS B 131 17.82 -7.53 -18.99
CA HIS B 131 16.52 -6.93 -19.31
C HIS B 131 15.49 -7.95 -19.75
N PHE B 132 14.26 -7.83 -19.22
CA PHE B 132 13.15 -8.71 -19.59
C PHE B 132 12.08 -7.86 -20.24
N VAL B 133 11.80 -8.15 -21.50
CA VAL B 133 10.94 -7.29 -22.32
C VAL B 133 9.53 -7.84 -22.50
N HIS B 134 8.54 -7.04 -22.10
CA HIS B 134 7.13 -7.46 -22.09
C HIS B 134 6.26 -6.55 -22.94
N LEU B 135 5.25 -7.14 -23.60
CA LEU B 135 4.24 -6.38 -24.33
C LEU B 135 2.85 -6.80 -23.89
N ASP B 136 1.97 -5.82 -23.68
CA ASP B 136 0.59 -6.12 -23.34
C ASP B 136 -0.23 -6.40 -24.62
N LYS B 137 -1.55 -6.59 -24.47
CA LYS B 137 -2.41 -6.92 -25.62
C LYS B 137 -2.43 -5.81 -26.67
N ASN B 138 -2.32 -4.57 -26.22
CA ASN B 138 -2.37 -3.40 -27.09
C ASN B 138 -1.00 -2.88 -27.52
N GLY B 139 0.04 -3.69 -27.31
CA GLY B 139 1.39 -3.39 -27.78
C GLY B 139 2.30 -2.59 -26.84
N ASN B 140 1.78 -2.17 -25.69
CA ASN B 140 2.54 -1.39 -24.69
C ASN B 140 3.66 -2.18 -24.02
N ILE B 141 4.81 -1.54 -23.82
CA ILE B 141 6.03 -2.23 -23.39
C ILE B 141 6.39 -2.01 -21.91
N THR B 142 6.79 -3.10 -21.23
CA THR B 142 7.34 -3.02 -19.88
C THR B 142 8.67 -3.78 -19.87
N VAL B 143 9.72 -3.16 -19.38
CA VAL B 143 10.98 -3.86 -19.14
C VAL B 143 11.28 -4.01 -17.66
N LEU B 144 11.58 -5.24 -17.24
CA LEU B 144 12.12 -5.47 -15.92
C LEU B 144 13.64 -5.57 -16.02
N GLY B 145 14.33 -4.82 -15.17
CA GLY B 145 15.80 -4.81 -15.12
C GLY B 145 16.34 -5.44 -13.85
N VAL B 146 17.39 -6.25 -14.01
CA VAL B 146 18.04 -6.95 -12.90
C VAL B 146 19.56 -6.74 -12.94
N PHE B 147 20.13 -6.24 -11.83
CA PHE B 147 21.57 -6.04 -11.72
C PHE B 147 22.26 -7.31 -11.25
N PHE B 148 23.46 -7.54 -11.76
CA PHE B 148 24.29 -8.66 -11.32
C PHE B 148 25.59 -8.15 -10.73
N LYS B 149 25.98 -8.71 -9.59
CA LYS B 149 27.31 -8.47 -9.04
C LYS B 149 28.14 -9.76 -9.17
N VAL B 150 29.46 -9.62 -9.15
CA VAL B 150 30.34 -10.78 -9.23
C VAL B 150 30.31 -11.55 -7.91
N GLY B 151 30.07 -12.86 -8.00
CA GLY B 151 30.01 -13.71 -6.82
C GLY B 151 29.97 -15.18 -7.21
N LYS B 152 29.04 -15.92 -6.61
CA LYS B 152 28.88 -17.34 -6.92
C LYS B 152 28.28 -17.53 -8.31
N GLU B 153 28.67 -18.62 -8.97
CA GLU B 153 28.15 -18.98 -10.29
C GLU B 153 26.62 -19.04 -10.30
N ASN B 154 26.02 -18.46 -11.33
CA ASN B 154 24.57 -18.42 -11.50
C ASN B 154 24.06 -19.60 -12.35
N PRO B 155 23.42 -20.59 -11.71
CA PRO B 155 23.01 -21.83 -12.39
C PRO B 155 21.99 -21.60 -13.53
N GLU B 156 21.02 -20.70 -13.30
CA GLU B 156 20.03 -20.39 -14.34
C GLU B 156 20.70 -19.71 -15.54
N LEU B 157 21.63 -18.80 -15.25
CA LEU B 157 22.37 -18.12 -16.29
C LEU B 157 23.23 -19.12 -17.06
N GLU B 158 23.79 -20.09 -16.33
CA GLU B 158 24.66 -21.09 -16.92
C GLU B 158 23.94 -21.95 -17.98
N LYS B 159 22.64 -22.19 -17.77
CA LYS B 159 21.81 -22.89 -18.76
C LYS B 159 21.86 -22.22 -20.13
N VAL B 160 22.02 -20.90 -20.13
CA VAL B 160 22.04 -20.13 -21.37
C VAL B 160 23.47 -20.00 -21.88
N TRP B 161 24.41 -19.76 -20.95
CA TRP B 161 25.84 -19.59 -21.27
C TRP B 161 26.47 -20.79 -21.98
N ARG B 162 26.17 -21.99 -21.49
CA ARG B 162 26.75 -23.21 -22.07
C ARG B 162 26.38 -23.44 -23.54
N VAL B 163 25.36 -22.72 -24.03
CA VAL B 163 24.97 -22.78 -25.44
C VAL B 163 24.97 -21.39 -26.10
N MET B 164 25.72 -20.46 -25.54
CA MET B 164 25.82 -19.10 -26.05
C MET B 164 26.37 -19.07 -27.50
N PRO B 165 25.59 -18.50 -28.44
CA PRO B 165 26.01 -18.32 -29.84
C PRO B 165 27.02 -17.17 -30.00
N GLU B 166 27.85 -17.24 -31.03
CA GLU B 166 29.01 -16.34 -31.14
C GLU B 166 29.10 -15.47 -32.39
N GLU B 167 28.10 -15.54 -33.27
CA GLU B 167 28.15 -14.77 -34.52
C GLU B 167 26.88 -13.96 -34.75
N PRO B 168 27.02 -12.65 -35.06
CA PRO B 168 25.87 -11.82 -35.42
C PRO B 168 24.96 -12.51 -36.43
N GLY B 169 23.76 -12.89 -36.01
CA GLY B 169 22.81 -13.60 -36.85
C GLY B 169 22.60 -15.07 -36.49
N GLN B 170 23.48 -15.60 -35.63
CA GLN B 170 23.46 -17.00 -35.22
C GLN B 170 22.45 -17.30 -34.10
N LYS B 171 21.59 -18.30 -34.32
CA LYS B 171 20.62 -18.77 -33.33
C LYS B 171 20.98 -20.17 -32.87
N ARG B 172 20.79 -20.47 -31.58
CA ARG B 172 21.05 -21.81 -31.06
C ARG B 172 19.94 -22.35 -30.14
N HIS B 173 19.77 -23.67 -30.15
CA HIS B 173 18.72 -24.27 -29.34
CA HIS B 173 18.74 -24.37 -29.37
C HIS B 173 19.15 -24.56 -27.91
N LEU B 174 18.22 -24.36 -26.98
CA LEU B 174 18.46 -24.54 -25.56
C LEU B 174 18.22 -25.99 -25.15
N THR B 175 19.25 -26.60 -24.58
CA THR B 175 19.19 -28.00 -24.14
C THR B 175 18.64 -28.16 -22.71
N ALA B 176 18.43 -27.04 -22.03
CA ALA B 176 17.88 -27.04 -20.68
C ALA B 176 16.59 -26.25 -20.61
N ARG B 177 15.76 -26.57 -19.60
CA ARG B 177 14.53 -25.85 -19.34
CA ARG B 177 14.54 -25.83 -19.37
C ARG B 177 14.87 -24.49 -18.72
N ILE B 178 14.45 -23.41 -19.38
CA ILE B 178 14.72 -22.05 -18.89
C ILE B 178 13.59 -21.57 -17.98
N ASP B 179 13.95 -21.20 -16.75
CA ASP B 179 13.00 -20.63 -15.79
C ASP B 179 13.42 -19.19 -15.50
N PRO B 180 12.97 -18.23 -16.34
CA PRO B 180 13.48 -16.86 -16.20
C PRO B 180 13.24 -16.22 -14.83
N GLU B 181 12.22 -16.66 -14.11
CA GLU B 181 11.93 -16.08 -12.80
C GLU B 181 13.07 -16.38 -11.81
N LYS B 182 13.82 -17.45 -12.06
CA LYS B 182 14.97 -17.79 -11.22
C LYS B 182 16.15 -16.82 -11.39
N LEU B 183 16.10 -15.99 -12.42
CA LEU B 183 17.10 -14.92 -12.63
C LEU B 183 16.80 -13.65 -11.84
N LEU B 184 15.58 -13.56 -11.32
CA LEU B 184 15.18 -12.38 -10.55
C LEU B 184 15.67 -12.48 -9.10
N PRO B 185 15.90 -11.32 -8.46
CA PRO B 185 16.25 -11.33 -7.04
C PRO B 185 15.09 -11.84 -6.20
N GLU B 186 15.41 -12.36 -5.01
CA GLU B 186 14.41 -12.84 -4.08
C GLU B 186 13.54 -11.68 -3.57
N ASN B 187 14.20 -10.58 -3.18
CA ASN B 187 13.49 -9.35 -2.83
C ASN B 187 13.06 -8.61 -4.11
N ARG B 188 11.75 -8.36 -4.21
CA ARG B 188 11.17 -7.83 -5.43
C ARG B 188 10.86 -6.33 -5.39
N ASP B 189 11.43 -5.62 -4.43
CA ASP B 189 11.30 -4.16 -4.36
C ASP B 189 12.00 -3.55 -5.55
N TYR B 190 11.45 -2.45 -6.06
CA TYR B 190 11.90 -1.91 -7.35
C TYR B 190 11.79 -0.40 -7.48
N TYR B 191 12.57 0.14 -8.39
CA TYR B 191 12.46 1.53 -8.86
C TYR B 191 11.56 1.54 -10.07
N ARG B 192 10.76 2.60 -10.22
CA ARG B 192 9.89 2.76 -11.39
C ARG B 192 9.88 4.16 -12.01
N TYR B 193 9.92 4.21 -13.34
CA TYR B 193 9.77 5.46 -14.07
C TYR B 193 9.22 5.22 -15.47
N SER B 194 8.77 6.31 -16.10
CA SER B 194 8.30 6.33 -17.48
C SER B 194 9.52 6.60 -18.37
N GLY B 195 9.87 5.63 -19.23
CA GLY B 195 11.17 5.65 -19.93
C GLY B 195 11.16 5.26 -21.39
N SER B 196 12.28 4.67 -21.87
CA SER B 196 12.45 4.30 -23.29
C SER B 196 13.17 2.96 -23.50
N LEU B 197 13.17 2.47 -24.74
CA LEU B 197 14.09 1.39 -25.12
C LEU B 197 15.52 1.96 -25.09
N THR B 198 16.51 1.14 -24.73
CA THR B 198 17.88 1.61 -24.61
C THR B 198 18.67 1.34 -25.90
N THR B 199 17.93 0.98 -26.95
CA THR B 199 18.46 0.72 -28.28
C THR B 199 17.51 1.32 -29.31
N PRO B 200 18.03 1.79 -30.47
CA PRO B 200 17.10 2.38 -31.45
C PRO B 200 16.01 1.37 -31.87
N PRO B 201 14.79 1.85 -32.18
CA PRO B 201 14.30 3.23 -32.33
C PRO B 201 14.08 4.01 -31.04
N CYS B 202 14.71 3.58 -29.94
CA CYS B 202 14.67 4.31 -28.67
CA CYS B 202 14.65 4.23 -28.63
C CYS B 202 13.25 4.77 -28.27
N SER B 203 12.24 3.99 -28.63
CA SER B 203 10.82 4.32 -28.39
C SER B 203 10.50 4.60 -26.91
N GLU B 204 9.62 5.59 -26.68
CA GLU B 204 9.25 6.00 -25.33
CA GLU B 204 9.26 5.98 -25.32
C GLU B 204 7.96 5.31 -24.86
N GLY B 205 7.42 5.76 -23.72
CA GLY B 205 6.22 5.16 -23.14
C GLY B 205 6.48 3.76 -22.61
N VAL B 206 7.74 3.44 -22.35
CA VAL B 206 8.10 2.15 -21.79
C VAL B 206 7.97 2.26 -20.28
N ARG B 207 7.26 1.31 -19.67
CA ARG B 207 7.30 1.15 -18.22
C ARG B 207 8.60 0.47 -17.78
N TRP B 208 9.36 1.16 -16.94
CA TRP B 208 10.55 0.57 -16.36
C TRP B 208 10.35 0.19 -14.90
N ILE B 209 10.66 -1.07 -14.63
CA ILE B 209 10.69 -1.68 -13.30
C ILE B 209 12.11 -2.22 -13.06
N VAL B 210 12.92 -1.47 -12.34
CA VAL B 210 14.29 -1.89 -12.06
C VAL B 210 14.41 -2.38 -10.63
N PHE B 211 14.69 -3.67 -10.47
CA PHE B 211 14.80 -4.27 -9.13
C PHE B 211 16.01 -3.74 -8.38
N LYS B 212 15.82 -3.51 -7.09
CA LYS B 212 16.87 -2.94 -6.23
C LYS B 212 17.99 -3.92 -5.88
N GLU B 213 17.63 -5.16 -5.54
CA GLU B 213 18.60 -6.17 -5.09
C GLU B 213 19.27 -6.85 -6.27
N PRO B 214 20.61 -6.78 -6.34
CA PRO B 214 21.32 -7.47 -7.42
C PRO B 214 21.43 -8.96 -7.15
N VAL B 215 21.64 -9.73 -8.22
CA VAL B 215 21.88 -11.17 -8.10
CA VAL B 215 21.85 -11.18 -8.14
C VAL B 215 23.32 -11.49 -8.49
N GLU B 216 23.81 -12.67 -8.09
CA GLU B 216 25.20 -13.03 -8.33
C GLU B 216 25.45 -13.85 -9.61
N MET B 217 26.58 -13.57 -10.25
CA MET B 217 27.13 -14.41 -11.31
C MET B 217 28.62 -14.60 -11.01
N SER B 218 29.22 -15.63 -11.61
CA SER B 218 30.67 -15.86 -11.48
C SER B 218 31.48 -14.87 -12.33
N ARG B 219 32.73 -14.67 -11.96
CA ARG B 219 33.63 -13.83 -12.75
CA ARG B 219 33.64 -13.83 -12.74
C ARG B 219 33.83 -14.46 -14.12
N GLU B 220 33.95 -15.80 -14.12
CA GLU B 220 34.04 -16.60 -15.34
CA GLU B 220 34.05 -16.57 -15.35
C GLU B 220 32.81 -16.37 -16.24
N GLN B 221 31.64 -16.27 -15.62
CA GLN B 221 30.40 -16.01 -16.36
C GLN B 221 30.42 -14.60 -16.98
N LEU B 222 30.84 -13.61 -16.20
CA LEU B 222 30.96 -12.25 -16.71
C LEU B 222 31.99 -12.16 -17.84
N GLU B 223 33.16 -12.77 -17.61
CA GLU B 223 34.24 -12.79 -18.59
C GLU B 223 33.82 -13.33 -19.95
N LYS B 224 33.07 -14.44 -19.95
CA LYS B 224 32.58 -15.04 -21.20
C LYS B 224 31.72 -14.08 -21.99
N PHE B 225 30.75 -13.46 -21.34
CA PHE B 225 29.86 -12.52 -22.03
C PHE B 225 30.64 -11.34 -22.60
N ARG B 226 31.58 -10.82 -21.82
CA ARG B 226 32.39 -9.68 -22.24
C ARG B 226 33.27 -10.03 -23.44
N LYS B 227 33.84 -11.23 -23.43
CA LYS B 227 34.68 -11.69 -24.55
C LYS B 227 33.84 -11.99 -25.80
N VAL B 228 32.76 -12.75 -25.65
CA VAL B 228 31.87 -13.04 -26.77
C VAL B 228 31.32 -11.75 -27.38
N MET B 229 30.94 -10.80 -26.53
CA MET B 229 30.48 -9.49 -26.99
C MET B 229 31.61 -8.68 -27.62
N GLY B 230 32.76 -8.64 -26.97
CA GLY B 230 33.95 -7.95 -27.49
C GLY B 230 34.04 -6.48 -27.14
N PHE B 231 32.92 -5.90 -26.74
CA PHE B 231 32.84 -4.48 -26.41
C PHE B 231 31.73 -4.20 -25.39
N ASP B 232 31.80 -3.03 -24.75
CA ASP B 232 30.74 -2.56 -23.85
C ASP B 232 29.47 -2.28 -24.66
N ASN B 233 28.37 -2.93 -24.29
CA ASN B 233 27.09 -2.74 -24.96
C ASN B 233 26.06 -2.01 -24.11
N ASN B 234 26.53 -1.02 -23.34
CA ASN B 234 25.64 -0.18 -22.54
C ASN B 234 25.58 1.24 -23.07
N ARG B 235 24.37 1.74 -23.26
CA ARG B 235 24.14 3.13 -23.62
C ARG B 235 24.36 4.01 -22.38
N PRO B 236 25.09 5.16 -22.52
CA PRO B 236 25.26 6.09 -21.40
CA PRO B 236 25.26 6.07 -21.40
C PRO B 236 23.92 6.56 -20.84
N VAL B 237 23.91 6.94 -19.56
CA VAL B 237 22.68 7.42 -18.89
C VAL B 237 22.15 8.72 -19.52
N GLN B 238 20.83 8.92 -19.44
CA GLN B 238 20.16 10.03 -20.10
C GLN B 238 19.51 11.01 -19.11
N PRO B 239 19.35 12.29 -19.51
CA PRO B 239 18.75 13.34 -18.65
C PRO B 239 17.38 12.97 -18.10
N LEU B 240 17.21 13.14 -16.79
CA LEU B 240 15.94 12.82 -16.14
C LEU B 240 14.80 13.77 -16.56
N ASN B 241 15.12 15.03 -16.81
CA ASN B 241 14.12 16.03 -17.20
C ASN B 241 13.02 16.25 -16.14
N ALA B 242 11.74 16.19 -16.54
CA ALA B 242 10.61 16.49 -15.64
C ALA B 242 10.17 15.30 -14.75
N ARG B 243 10.80 14.15 -14.96
CA ARG B 243 10.45 12.89 -14.30
C ARG B 243 10.96 12.83 -12.86
N LYS B 244 10.28 12.03 -12.03
CA LYS B 244 10.87 11.51 -10.81
C LYS B 244 10.96 9.99 -10.92
N VAL B 245 11.99 9.42 -10.31
CA VAL B 245 12.04 7.98 -10.14
C VAL B 245 11.30 7.64 -8.86
N MET B 246 10.42 6.65 -8.92
CA MET B 246 9.70 6.21 -7.73
C MET B 246 10.41 5.02 -7.11
N LYS B 247 10.56 5.06 -5.79
CA LYS B 247 11.26 4.02 -5.03
C LYS B 247 10.44 3.57 -3.80
#